data_4Z3T
#
_entry.id   4Z3T
#
_cell.length_a   78.549
_cell.length_b   35.670
_cell.length_c   90.410
_cell.angle_alpha   90.00
_cell.angle_beta   104.11
_cell.angle_gamma   90.00
#
_symmetry.space_group_name_H-M   'P 1 21 1'
#
loop_
_entity.id
_entity.type
_entity.pdbx_description
1 polymer 'Factor H binding protein variant A10_001'
2 non-polymer 'MAGNESIUM ION'
3 water water
#
_entity_poly.entity_id   1
_entity_poly.type   'polypeptide(L)'
_entity_poly.pdbx_seq_one_letter_code
;MGPDSDRLQQRRVAADIGAGLADALTAPLDHKDKSLQSLTLDQSVRKNEKLKLAAQGAEKTYGNGDSLNTGKLKNDKVSR
FDFIRQIEVDGQLITLESGEFQIYKQDHSAVVALQIEKINNPDKIDSLINQRSFRVSDLGGEHTAFNQLPSGKAEYHGKA
FSSDDPNGRLHYSIDFTKKQGYGRIEHLKTPEQNVELASAELKADEKSHAVILGDTRYGGEEKGTYHLALFGDRAQEIAG
SATVKIREKVHEIGIAGKQLEHHHHHH
;
_entity_poly.pdbx_strand_id   A,B
#
loop_
_chem_comp.id
_chem_comp.type
_chem_comp.name
_chem_comp.formula
MG non-polymer 'MAGNESIUM ION' 'Mg 2'
#
# COMPACT_ATOMS: atom_id res chain seq x y z
N ARG A 12 -21.96 12.81 29.14
CA ARG A 12 -21.39 14.14 28.93
C ARG A 12 -20.07 14.07 28.15
N VAL A 13 -19.15 13.28 28.66
CA VAL A 13 -17.87 13.08 28.02
C VAL A 13 -18.05 12.35 26.68
N ALA A 14 -18.90 11.32 26.71
CA ALA A 14 -19.20 10.56 25.49
C ALA A 14 -19.78 11.47 24.40
N ALA A 15 -20.59 12.44 24.81
CA ALA A 15 -21.26 13.33 23.87
C ALA A 15 -20.37 14.49 23.41
N ASP A 16 -19.17 14.60 23.97
CA ASP A 16 -18.24 15.68 23.62
C ASP A 16 -17.40 15.30 22.41
N ILE A 17 -17.93 15.58 21.21
CA ILE A 17 -17.26 15.18 19.99
C ILE A 17 -16.70 16.39 19.24
N GLY A 18 -16.65 17.54 19.92
CA GLY A 18 -16.05 18.73 19.34
C GLY A 18 -16.82 19.22 18.13
N ALA A 19 -16.12 19.78 17.14
CA ALA A 19 -16.76 20.20 15.91
C ALA A 19 -16.33 19.26 14.80
N GLY A 20 -15.94 18.06 15.19
CA GLY A 20 -15.37 17.11 14.26
C GLY A 20 -16.33 16.60 13.22
N LEU A 21 -17.62 16.63 13.53
CA LEU A 21 -18.61 16.04 12.61
C LEU A 21 -18.73 16.92 11.36
N ALA A 22 -19.00 18.21 11.58
CA ALA A 22 -19.02 19.17 10.47
C ALA A 22 -17.67 19.20 9.72
N ASP A 23 -16.58 19.12 10.46
CA ASP A 23 -15.26 19.18 9.86
C ASP A 23 -15.01 17.97 8.96
N ALA A 24 -15.34 16.78 9.46
CA ALA A 24 -15.15 15.57 8.65
C ALA A 24 -15.94 15.62 7.35
N LEU A 25 -17.10 16.25 7.37
CA LEU A 25 -17.97 16.31 6.21
C LEU A 25 -17.51 17.33 5.18
N THR A 26 -16.64 18.25 5.58
CA THR A 26 -16.37 19.42 4.72
C THR A 26 -14.89 19.72 4.45
N ALA A 27 -14.00 18.96 5.08
CA ALA A 27 -12.55 19.17 4.94
C ALA A 27 -11.86 18.10 4.12
N PRO A 28 -10.78 18.48 3.41
CA PRO A 28 -10.00 17.48 2.67
C PRO A 28 -9.16 16.61 3.59
N LEU A 29 -8.77 15.43 3.11
CA LEU A 29 -7.86 14.56 3.85
C LEU A 29 -6.51 15.25 4.03
N ASP A 30 -6.05 15.24 5.26
CA ASP A 30 -4.74 15.79 5.61
C ASP A 30 -4.05 14.70 6.40
N HIS A 31 -3.01 14.09 5.84
CA HIS A 31 -2.45 12.93 6.50
C HIS A 31 -1.64 13.31 7.74
N LYS A 32 -1.50 14.60 7.99
CA LYS A 32 -0.88 15.07 9.22
C LYS A 32 -1.91 15.22 10.37
N ASP A 33 -3.18 15.03 10.06
CA ASP A 33 -4.21 15.07 11.09
C ASP A 33 -4.04 13.85 11.97
N LYS A 34 -4.69 13.87 13.14
CA LYS A 34 -4.56 12.77 14.10
C LYS A 34 -5.12 11.46 13.55
N SER A 35 -4.27 10.42 13.54
CA SER A 35 -4.65 9.10 13.02
C SER A 35 -5.70 8.46 13.91
N LEU A 36 -6.56 7.60 13.38
CA LEU A 36 -6.62 7.17 11.98
C LEU A 36 -7.10 8.27 11.05
N GLN A 37 -6.33 8.55 10.00
CA GLN A 37 -6.63 9.73 9.19
C GLN A 37 -7.83 9.55 8.26
N SER A 38 -8.06 8.32 7.79
CA SER A 38 -9.22 8.07 6.94
C SER A 38 -9.65 6.63 6.96
N LEU A 39 -10.90 6.41 6.56
CA LEU A 39 -11.48 5.09 6.42
C LEU A 39 -12.19 5.02 5.08
N THR A 40 -11.87 3.99 4.29
CA THR A 40 -12.60 3.75 3.06
C THR A 40 -13.97 3.14 3.35
N LEU A 41 -15.03 3.72 2.78
CA LEU A 41 -16.39 3.21 2.98
C LEU A 41 -16.74 2.24 1.87
N ASP A 42 -16.86 0.97 2.22
CA ASP A 42 -17.14 -0.09 1.24
CA ASP A 42 -17.13 -0.09 1.24
C ASP A 42 -18.41 -0.84 1.58
N GLN A 43 -18.55 -1.23 2.83
CA GLN A 43 -19.71 -1.97 3.29
C GLN A 43 -20.92 -1.08 3.58
N SER A 44 -20.66 0.16 3.97
CA SER A 44 -21.76 1.05 4.37
CA SER A 44 -21.73 1.08 4.37
C SER A 44 -22.49 1.63 3.17
N VAL A 45 -21.88 1.52 1.98
CA VAL A 45 -22.55 2.00 0.76
C VAL A 45 -22.10 1.15 -0.44
N ARG A 46 -23.07 0.46 -1.05
CA ARG A 46 -22.80 -0.47 -2.16
C ARG A 46 -22.70 0.28 -3.49
N LYS A 47 -22.18 -0.36 -4.54
CA LYS A 47 -21.78 0.37 -5.75
C LYS A 47 -22.90 1.09 -6.55
N ASN A 48 -24.15 0.69 -6.34
CA ASN A 48 -25.27 1.36 -7.00
CA ASN A 48 -25.28 1.35 -7.00
C ASN A 48 -25.95 2.35 -6.07
N GLU A 49 -25.37 2.54 -4.89
CA GLU A 49 -25.99 3.36 -3.86
C GLU A 49 -25.27 4.66 -3.61
N LYS A 50 -25.92 5.52 -2.85
CA LYS A 50 -25.25 6.69 -2.34
C LYS A 50 -25.67 6.91 -0.92
N LEU A 51 -24.72 7.40 -0.13
CA LEU A 51 -24.92 7.59 1.30
C LEU A 51 -24.71 9.05 1.63
N LYS A 52 -25.73 9.69 2.19
CA LYS A 52 -25.62 11.09 2.58
C LYS A 52 -25.49 11.15 4.08
N LEU A 53 -24.38 11.67 4.58
CA LEU A 53 -24.16 11.82 6.01
C LEU A 53 -24.35 13.28 6.38
N ALA A 54 -24.99 13.53 7.51
CA ALA A 54 -25.25 14.91 7.93
C ALA A 54 -25.07 15.08 9.42
N ALA A 55 -24.47 16.20 9.81
CA ALA A 55 -24.29 16.55 11.23
C ALA A 55 -23.74 17.96 11.32
N GLN A 56 -24.09 18.64 12.42
CA GLN A 56 -23.51 19.93 12.77
C GLN A 56 -23.61 20.94 11.61
N GLY A 57 -24.71 20.88 10.87
CA GLY A 57 -25.02 21.86 9.87
C GLY A 57 -24.38 21.58 8.52
N ALA A 58 -23.73 20.42 8.40
CA ALA A 58 -23.08 20.09 7.15
C ALA A 58 -23.59 18.75 6.63
N GLU A 59 -23.24 18.45 5.41
CA GLU A 59 -23.65 17.20 4.79
C GLU A 59 -22.66 16.81 3.70
N LYS A 60 -22.41 15.51 3.52
CA LYS A 60 -21.58 15.07 2.41
C LYS A 60 -22.16 13.79 1.82
N THR A 61 -22.09 13.66 0.50
CA THR A 61 -22.52 12.47 -0.22
C THR A 61 -21.33 11.52 -0.46
N TYR A 62 -21.50 10.26 -0.08
CA TYR A 62 -20.48 9.24 -0.25
C TYR A 62 -20.95 8.16 -1.18
N GLY A 63 -20.02 7.65 -2.00
CA GLY A 63 -20.23 6.44 -2.76
C GLY A 63 -19.27 5.34 -2.32
N ASN A 64 -19.49 4.15 -2.87
CA ASN A 64 -18.60 3.04 -2.55
C ASN A 64 -17.17 3.39 -2.86
N GLY A 65 -16.27 3.16 -1.91
CA GLY A 65 -14.86 3.43 -2.12
C GLY A 65 -14.39 4.83 -1.75
N ASP A 66 -15.34 5.71 -1.46
CA ASP A 66 -15.00 7.05 -0.98
C ASP A 66 -14.36 6.99 0.41
N SER A 67 -13.53 7.98 0.72
CA SER A 67 -12.93 8.08 2.04
CA SER A 67 -12.91 8.11 2.03
C SER A 67 -13.75 8.92 3.00
N LEU A 68 -13.84 8.45 4.24
CA LEU A 68 -14.40 9.25 5.32
C LEU A 68 -13.24 9.88 6.08
N ASN A 69 -13.32 11.19 6.31
CA ASN A 69 -12.21 11.93 6.93
C ASN A 69 -12.22 11.80 8.46
N THR A 70 -11.80 10.63 8.93
CA THR A 70 -11.76 10.33 10.35
C THR A 70 -10.68 11.14 11.05
N GLY A 71 -9.77 11.73 10.26
CA GLY A 71 -8.73 12.55 10.81
C GLY A 71 -9.28 13.70 11.62
N LYS A 72 -10.48 14.16 11.25
CA LYS A 72 -11.11 15.30 11.92
C LYS A 72 -11.91 14.90 13.15
N LEU A 73 -12.08 13.60 13.38
CA LEU A 73 -12.94 13.11 14.45
C LEU A 73 -12.17 12.83 15.71
N LYS A 74 -12.87 12.85 16.84
CA LYS A 74 -12.27 12.60 18.14
C LYS A 74 -11.90 11.14 18.32
N ASN A 75 -10.71 10.91 18.86
CA ASN A 75 -10.28 9.54 19.15
C ASN A 75 -10.99 8.96 20.37
N ASP A 76 -11.20 7.64 20.33
CA ASP A 76 -11.82 6.87 21.42
C ASP A 76 -13.23 7.33 21.74
N LYS A 77 -13.91 7.89 20.75
CA LYS A 77 -15.31 8.24 20.88
C LYS A 77 -16.12 7.74 19.70
N VAL A 78 -17.41 7.54 19.95
CA VAL A 78 -18.33 7.29 18.86
C VAL A 78 -18.79 8.63 18.29
N SER A 79 -18.49 8.85 17.02
CA SER A 79 -19.02 10.01 16.33
C SER A 79 -20.25 9.59 15.55
N ARG A 80 -21.28 10.43 15.58
CA ARG A 80 -22.57 10.06 15.00
C ARG A 80 -23.02 11.00 13.90
N PHE A 81 -23.51 10.43 12.81
CA PHE A 81 -24.03 11.18 11.68
C PHE A 81 -25.42 10.69 11.34
N ASP A 82 -26.33 11.60 11.01
CA ASP A 82 -27.62 11.19 10.43
C ASP A 82 -27.33 10.71 9.01
N PHE A 83 -27.96 9.62 8.56
CA PHE A 83 -27.69 9.22 7.20
C PHE A 83 -28.97 8.92 6.44
N ILE A 84 -28.92 9.09 5.13
CA ILE A 84 -29.89 8.45 4.26
C ILE A 84 -29.14 7.67 3.18
N ARG A 85 -29.71 6.54 2.80
CA ARG A 85 -29.14 5.70 1.75
C ARG A 85 -30.09 5.74 0.60
N GLN A 86 -29.59 6.10 -0.58
CA GLN A 86 -30.47 6.24 -1.73
C GLN A 86 -29.99 5.41 -2.90
N ILE A 87 -30.91 5.14 -3.80
CA ILE A 87 -30.62 4.42 -5.04
C ILE A 87 -31.55 4.94 -6.14
N GLU A 88 -31.05 5.00 -7.39
CA GLU A 88 -31.90 5.33 -8.53
CA GLU A 88 -31.93 5.33 -8.50
C GLU A 88 -32.53 4.03 -9.03
N VAL A 89 -33.86 3.97 -9.04
CA VAL A 89 -34.59 2.80 -9.52
C VAL A 89 -35.74 3.27 -10.40
N ASP A 90 -35.80 2.77 -11.63
CA ASP A 90 -36.91 3.04 -12.52
C ASP A 90 -37.22 4.53 -12.60
N GLY A 91 -36.18 5.34 -12.80
CA GLY A 91 -36.35 6.77 -13.00
C GLY A 91 -36.63 7.56 -11.74
N GLN A 92 -36.45 6.94 -10.57
CA GLN A 92 -36.79 7.59 -9.31
C GLN A 92 -35.66 7.47 -8.33
N LEU A 93 -35.46 8.53 -7.54
CA LEU A 93 -34.47 8.48 -6.47
C LEU A 93 -35.15 7.99 -5.20
N ILE A 94 -34.81 6.76 -4.81
CA ILE A 94 -35.45 6.08 -3.68
C ILE A 94 -34.57 6.09 -2.43
N THR A 95 -35.14 6.48 -1.29
CA THR A 95 -34.44 6.27 -0.02
C THR A 95 -34.72 4.87 0.48
N LEU A 96 -33.66 4.06 0.57
CA LEU A 96 -33.74 2.68 1.03
C LEU A 96 -33.77 2.59 2.54
N GLU A 97 -32.94 3.41 3.18
CA GLU A 97 -32.77 3.39 4.63
C GLU A 97 -32.51 4.79 5.13
N SER A 98 -32.96 5.10 6.34
CA SER A 98 -32.44 6.27 7.02
C SER A 98 -32.15 5.90 8.47
N GLY A 99 -31.21 6.60 9.08
CA GLY A 99 -30.86 6.25 10.45
C GLY A 99 -29.66 7.01 10.94
N GLU A 100 -28.86 6.35 11.77
CA GLU A 100 -27.63 6.93 12.32
C GLU A 100 -26.42 6.06 12.01
N PHE A 101 -25.39 6.75 11.55
CA PHE A 101 -24.11 6.18 11.20
C PHE A 101 -23.19 6.40 12.39
N GLN A 102 -22.72 5.32 13.01
CA GLN A 102 -21.91 5.44 14.23
C GLN A 102 -20.48 5.00 13.94
N ILE A 103 -19.48 5.84 14.20
CA ILE A 103 -18.13 5.37 13.94
C ILE A 103 -17.26 5.57 15.16
N TYR A 104 -16.59 4.49 15.54
CA TYR A 104 -15.66 4.55 16.67
C TYR A 104 -14.25 4.61 16.14
N LYS A 105 -13.54 5.68 16.50
CA LYS A 105 -12.23 5.93 15.93
CA LYS A 105 -12.22 5.97 15.95
C LYS A 105 -11.10 5.65 16.93
N GLN A 106 -10.08 4.93 16.46
CA GLN A 106 -8.87 4.72 17.25
C GLN A 106 -7.66 5.26 16.50
N ASP A 107 -6.47 4.91 16.93
CA ASP A 107 -5.28 5.49 16.32
C ASP A 107 -4.86 4.83 15.02
N HIS A 108 -5.31 3.60 14.81
CA HIS A 108 -4.87 2.82 13.65
C HIS A 108 -6.05 2.12 12.99
N SER A 109 -7.23 2.40 13.50
CA SER A 109 -8.39 1.61 13.13
C SER A 109 -9.68 2.35 13.41
N ALA A 110 -10.76 1.90 12.79
CA ALA A 110 -12.07 2.45 13.02
C ALA A 110 -13.09 1.38 12.67
N VAL A 111 -14.22 1.41 13.38
CA VAL A 111 -15.30 0.49 13.03
C VAL A 111 -16.61 1.29 12.98
N VAL A 112 -17.47 0.92 12.03
CA VAL A 112 -18.72 1.63 11.78
C VAL A 112 -19.90 0.72 12.06
N ALA A 113 -20.92 1.23 12.74
CA ALA A 113 -22.19 0.51 12.85
C ALA A 113 -23.32 1.40 12.35
N LEU A 114 -24.36 0.77 11.82
CA LEU A 114 -25.48 1.53 11.31
C LEU A 114 -26.70 1.20 12.14
N GLN A 115 -27.28 2.22 12.76
CA GLN A 115 -28.60 2.07 13.39
C GLN A 115 -29.64 2.50 12.39
N ILE A 116 -30.37 1.52 11.85
CA ILE A 116 -31.45 1.84 10.92
C ILE A 116 -32.70 2.23 11.66
N GLU A 117 -33.38 3.28 11.18
CA GLU A 117 -34.63 3.74 11.79
C GLU A 117 -35.81 3.56 10.85
N LYS A 118 -35.61 3.91 9.58
CA LYS A 118 -36.66 3.77 8.56
C LYS A 118 -36.14 3.05 7.33
N ILE A 119 -37.03 2.33 6.64
CA ILE A 119 -36.72 1.73 5.36
C ILE A 119 -37.79 2.10 4.36
N ASN A 120 -37.54 1.92 3.08
CA ASN A 120 -38.59 2.17 2.09
C ASN A 120 -39.74 1.20 2.32
N ASN A 121 -40.96 1.69 2.12
CA ASN A 121 -42.15 0.84 2.18
C ASN A 121 -42.05 -0.14 1.02
N PRO A 122 -42.12 -1.45 1.31
CA PRO A 122 -41.94 -2.42 0.22
C PRO A 122 -43.06 -2.36 -0.80
N ASP A 123 -44.19 -1.78 -0.42
CA ASP A 123 -45.34 -1.67 -1.31
C ASP A 123 -45.57 -0.24 -1.81
N LYS A 124 -44.70 0.67 -1.39
CA LYS A 124 -44.73 2.05 -1.85
C LYS A 124 -43.33 2.62 -1.74
N ILE A 125 -42.52 2.40 -2.77
CA ILE A 125 -41.07 2.54 -2.63
C ILE A 125 -40.62 3.98 -2.37
N ASP A 126 -41.42 4.97 -2.77
CA ASP A 126 -41.02 6.36 -2.54
C ASP A 126 -41.47 6.89 -1.18
N SER A 127 -41.91 6.00 -0.29
CA SER A 127 -42.27 6.40 1.07
CA SER A 127 -42.30 6.38 1.07
C SER A 127 -41.54 5.55 2.09
N LEU A 128 -41.35 6.09 3.28
CA LEU A 128 -40.60 5.39 4.33
C LEU A 128 -41.53 4.81 5.38
N ILE A 129 -41.09 3.73 6.02
CA ILE A 129 -41.76 3.20 7.20
C ILE A 129 -40.73 2.96 8.27
N ASN A 130 -41.17 2.99 9.53
CA ASN A 130 -40.30 2.67 10.64
C ASN A 130 -39.98 1.19 10.71
N GLN A 131 -38.69 0.87 10.76
CA GLN A 131 -38.23 -0.50 10.98
C GLN A 131 -36.77 -0.46 11.41
N ARG A 132 -36.55 -0.75 12.69
CA ARG A 132 -35.25 -0.60 13.30
C ARG A 132 -34.42 -1.85 13.16
N SER A 133 -33.13 -1.66 12.92
CA SER A 133 -32.18 -2.75 12.94
C SER A 133 -30.80 -2.15 13.17
N PHE A 134 -29.83 -3.00 13.44
CA PHE A 134 -28.49 -2.53 13.78
C PHE A 134 -27.48 -3.52 13.22
N ARG A 135 -26.52 -3.01 12.44
CA ARG A 135 -25.49 -3.87 11.91
C ARG A 135 -24.14 -3.18 11.92
N VAL A 136 -23.09 -3.97 12.06
CA VAL A 136 -21.75 -3.45 11.93
C VAL A 136 -21.39 -3.48 10.45
N SER A 137 -20.90 -2.37 9.92
CA SER A 137 -20.60 -2.29 8.50
CA SER A 137 -20.60 -2.32 8.49
C SER A 137 -19.09 -2.23 8.25
N ASP A 138 -18.56 -1.02 8.07
CA ASP A 138 -17.15 -0.93 7.72
C ASP A 138 -16.21 -1.11 8.90
N LEU A 139 -15.05 -1.62 8.57
CA LEU A 139 -14.01 -1.96 9.52
C LEU A 139 -12.71 -1.76 8.77
N GLY A 140 -11.86 -0.87 9.26
CA GLY A 140 -10.63 -0.65 8.52
C GLY A 140 -9.58 0.15 9.24
N GLY A 141 -8.50 0.45 8.51
CA GLY A 141 -7.34 1.11 9.11
C GLY A 141 -6.07 0.48 8.59
N GLU A 142 -4.98 0.63 9.35
CA GLU A 142 -3.68 0.09 9.02
CA GLU A 142 -3.69 0.08 8.97
C GLU A 142 -3.57 -1.36 9.45
N HIS A 143 -4.09 -2.29 8.64
CA HIS A 143 -4.10 -3.71 8.99
C HIS A 143 -2.70 -4.25 9.30
N THR A 144 -2.62 -5.03 10.36
CA THR A 144 -1.38 -5.69 10.72
C THR A 144 -1.16 -6.89 9.82
N ALA A 145 -0.01 -6.93 9.14
CA ALA A 145 0.32 -8.05 8.28
C ALA A 145 0.61 -9.27 9.12
N PHE A 146 0.01 -10.39 8.76
CA PHE A 146 0.18 -11.62 9.53
C PHE A 146 1.62 -12.09 9.55
N ASN A 147 2.37 -11.81 8.49
CA ASN A 147 3.77 -12.19 8.45
C ASN A 147 4.67 -11.21 9.21
N GLN A 148 4.10 -10.14 9.74
CA GLN A 148 4.88 -9.14 10.48
C GLN A 148 4.32 -8.89 11.88
N LEU A 149 3.77 -9.93 12.49
CA LEU A 149 3.23 -9.84 13.85
C LEU A 149 4.31 -9.52 14.87
N PRO A 150 3.95 -8.76 15.92
CA PRO A 150 4.86 -8.51 17.05
C PRO A 150 5.15 -9.79 17.80
N SER A 151 6.14 -9.74 18.69
CA SER A 151 6.44 -10.89 19.52
C SER A 151 5.66 -10.80 20.83
N GLY A 152 5.52 -11.93 21.51
CA GLY A 152 4.99 -11.91 22.86
C GLY A 152 3.48 -11.93 23.00
N LYS A 153 2.97 -11.08 23.89
CA LYS A 153 1.54 -11.03 24.14
C LYS A 153 1.07 -9.58 24.28
N ALA A 154 -0.24 -9.37 24.25
CA ALA A 154 -0.79 -8.03 24.37
C ALA A 154 -2.18 -8.12 24.96
N GLU A 155 -2.57 -7.09 25.71
CA GLU A 155 -3.94 -6.97 26.20
CA GLU A 155 -3.94 -6.99 26.19
C GLU A 155 -4.57 -5.70 25.64
N TYR A 156 -5.85 -5.80 25.30
CA TYR A 156 -6.60 -4.73 24.66
C TYR A 156 -7.79 -4.32 25.50
N HIS A 157 -8.04 -3.01 25.58
CA HIS A 157 -9.18 -2.46 26.31
C HIS A 157 -9.92 -1.52 25.39
N GLY A 158 -11.24 -1.56 25.41
CA GLY A 158 -11.97 -0.62 24.59
C GLY A 158 -13.47 -0.76 24.69
N LYS A 159 -14.16 -0.45 23.60
CA LYS A 159 -15.60 -0.29 23.63
C LYS A 159 -16.31 -1.44 22.92
N ALA A 160 -17.47 -1.82 23.44
CA ALA A 160 -18.42 -2.66 22.74
C ALA A 160 -19.69 -1.85 22.61
N PHE A 161 -20.20 -1.67 21.39
CA PHE A 161 -21.42 -0.91 21.21
C PHE A 161 -22.44 -1.66 20.39
N SER A 162 -23.67 -1.69 20.89
CA SER A 162 -24.78 -2.38 20.25
C SER A 162 -25.95 -1.41 20.08
N SER A 163 -27.05 -1.89 19.53
CA SER A 163 -28.20 -0.99 19.31
C SER A 163 -28.63 -0.29 20.60
N ASP A 164 -28.65 1.04 20.56
CA ASP A 164 -29.05 1.86 21.69
C ASP A 164 -28.16 1.69 22.94
N ASP A 165 -26.94 1.18 22.76
CA ASP A 165 -26.07 0.91 23.91
C ASP A 165 -24.59 1.03 23.57
N PRO A 166 -24.03 2.24 23.72
CA PRO A 166 -22.63 2.46 23.37
C PRO A 166 -21.68 2.32 24.56
N ASN A 167 -22.16 1.73 25.66
CA ASN A 167 -21.36 1.70 26.87
C ASN A 167 -20.87 0.34 27.30
N GLY A 168 -20.90 -0.63 26.39
CA GLY A 168 -20.27 -1.90 26.67
C GLY A 168 -18.75 -1.74 26.62
N ARG A 169 -18.06 -2.74 27.13
CA ARG A 169 -16.60 -2.72 27.16
C ARG A 169 -16.02 -3.96 26.51
N LEU A 170 -14.88 -3.79 25.87
CA LEU A 170 -14.14 -4.92 25.31
C LEU A 170 -12.85 -5.15 26.07
N HIS A 171 -12.61 -6.40 26.44
CA HIS A 171 -11.31 -6.81 26.98
CA HIS A 171 -11.31 -6.80 26.97
C HIS A 171 -10.88 -8.05 26.23
N TYR A 172 -9.64 -8.03 25.74
CA TYR A 172 -9.18 -9.10 24.88
C TYR A 172 -7.67 -9.30 25.05
N SER A 173 -7.23 -10.55 24.95
CA SER A 173 -5.84 -10.92 25.12
C SER A 173 -5.36 -11.71 23.92
N ILE A 174 -4.20 -11.37 23.39
CA ILE A 174 -3.62 -12.13 22.30
C ILE A 174 -2.23 -12.60 22.71
N ASP A 175 -1.96 -13.87 22.49
CA ASP A 175 -0.63 -14.40 22.65
C ASP A 175 -0.09 -14.64 21.26
N PHE A 176 0.78 -13.75 20.80
CA PHE A 176 1.29 -13.82 19.43
C PHE A 176 2.15 -15.06 19.22
N THR A 177 2.89 -15.46 20.25
CA THR A 177 3.73 -16.65 20.14
C THR A 177 2.90 -17.91 19.96
N LYS A 178 1.83 -18.05 20.73
CA LYS A 178 0.91 -19.17 20.60
C LYS A 178 -0.11 -18.98 19.48
N LYS A 179 -0.18 -17.76 18.94
CA LYS A 179 -1.16 -17.41 17.91
C LYS A 179 -2.58 -17.71 18.37
N GLN A 180 -2.91 -17.23 19.57
CA GLN A 180 -4.20 -17.46 20.19
C GLN A 180 -4.71 -16.19 20.82
N GLY A 181 -6.02 -15.95 20.69
CA GLY A 181 -6.67 -14.83 21.36
C GLY A 181 -7.95 -15.26 22.04
N TYR A 182 -8.33 -14.51 23.07
CA TYR A 182 -9.60 -14.74 23.75
C TYR A 182 -10.01 -13.47 24.46
N GLY A 183 -11.29 -13.33 24.79
CA GLY A 183 -11.67 -12.14 25.49
C GLY A 183 -13.12 -12.11 25.91
N ARG A 184 -13.59 -10.92 26.23
CA ARG A 184 -14.86 -10.71 26.89
C ARG A 184 -15.52 -9.45 26.40
N ILE A 185 -16.85 -9.49 26.31
CA ILE A 185 -17.66 -8.28 26.20
C ILE A 185 -18.38 -8.11 27.53
N GLU A 186 -18.24 -6.92 28.13
CA GLU A 186 -18.83 -6.64 29.43
C GLU A 186 -19.71 -5.40 29.42
N HIS A 187 -20.60 -5.31 30.40
CA HIS A 187 -21.27 -4.07 30.78
C HIS A 187 -22.37 -3.58 29.85
N LEU A 188 -22.72 -4.35 28.82
CA LEU A 188 -23.88 -3.98 28.03
C LEU A 188 -25.15 -4.16 28.88
N LYS A 189 -26.14 -3.32 28.62
CA LYS A 189 -27.36 -3.34 29.44
C LYS A 189 -28.18 -4.61 29.26
N THR A 190 -28.15 -5.17 28.06
CA THR A 190 -28.76 -6.48 27.81
C THR A 190 -27.80 -7.57 28.27
N PRO A 191 -28.12 -8.26 29.38
CA PRO A 191 -27.17 -9.22 29.99
C PRO A 191 -26.55 -10.21 29.00
N GLU A 192 -27.38 -10.76 28.13
CA GLU A 192 -26.97 -11.83 27.24
C GLU A 192 -26.04 -11.38 26.09
N GLN A 193 -25.82 -10.08 25.96
CA GLN A 193 -24.82 -9.57 25.01
C GLN A 193 -23.40 -9.63 25.59
N ASN A 194 -23.28 -9.86 26.89
CA ASN A 194 -21.97 -9.82 27.52
C ASN A 194 -21.31 -11.18 27.44
N VAL A 195 -20.92 -11.50 26.21
CA VAL A 195 -20.50 -12.84 25.83
C VAL A 195 -19.02 -13.09 26.07
N GLU A 196 -18.68 -14.37 26.15
CA GLU A 196 -17.30 -14.77 26.01
C GLU A 196 -16.92 -14.67 24.54
N LEU A 197 -15.75 -14.10 24.29
CA LEU A 197 -15.14 -14.20 22.97
C LEU A 197 -14.15 -15.35 23.10
N ALA A 198 -14.62 -16.54 22.76
CA ALA A 198 -13.92 -17.78 23.10
C ALA A 198 -12.58 -17.87 22.39
N SER A 199 -11.67 -18.63 22.99
CA SER A 199 -10.33 -18.78 22.45
CA SER A 199 -10.32 -18.76 22.45
C SER A 199 -10.37 -19.15 20.98
N ALA A 200 -9.56 -18.46 20.18
CA ALA A 200 -9.53 -18.72 18.74
C ALA A 200 -8.14 -18.47 18.18
N GLU A 201 -7.89 -19.03 17.01
CA GLU A 201 -6.59 -18.97 16.38
C GLU A 201 -6.34 -17.64 15.67
N LEU A 202 -5.14 -17.10 15.84
CA LEU A 202 -4.71 -15.93 15.10
C LEU A 202 -4.16 -16.38 13.75
N LYS A 203 -4.76 -15.92 12.67
CA LYS A 203 -4.37 -16.41 11.36
C LYS A 203 -4.39 -15.31 10.30
N ALA A 204 -3.98 -15.64 9.08
CA ALA A 204 -4.03 -14.67 8.00
C ALA A 204 -5.33 -14.79 7.22
N ASP A 205 -5.88 -13.66 6.80
CA ASP A 205 -7.06 -13.69 5.94
C ASP A 205 -6.61 -13.68 4.48
N GLU A 206 -7.56 -13.43 3.57
CA GLU A 206 -7.34 -13.40 2.14
C GLU A 206 -6.24 -12.42 1.70
N LYS A 207 -6.22 -11.26 2.34
CA LYS A 207 -5.22 -10.22 2.05
C LYS A 207 -3.96 -10.37 2.90
N SER A 208 -3.82 -11.53 3.54
CA SER A 208 -2.70 -11.83 4.43
C SER A 208 -2.64 -10.91 5.64
N HIS A 209 -3.78 -10.31 5.98
CA HIS A 209 -3.88 -9.53 7.21
C HIS A 209 -4.15 -10.45 8.39
N ALA A 210 -3.63 -10.09 9.56
CA ALA A 210 -3.86 -10.86 10.78
C ALA A 210 -5.28 -10.66 11.31
N VAL A 211 -6.01 -11.76 11.46
CA VAL A 211 -7.39 -11.72 11.98
C VAL A 211 -7.64 -12.86 12.95
N ILE A 212 -8.65 -12.71 13.80
CA ILE A 212 -9.12 -13.80 14.65
C ILE A 212 -10.62 -14.02 14.42
N LEU A 213 -10.98 -15.24 14.05
CA LEU A 213 -12.37 -15.62 13.87
C LEU A 213 -12.71 -16.63 14.94
N GLY A 214 -13.66 -16.29 15.82
CA GLY A 214 -13.98 -17.17 16.94
C GLY A 214 -15.47 -17.27 17.19
N ASP A 215 -15.83 -18.07 18.19
CA ASP A 215 -17.22 -18.18 18.62
C ASP A 215 -17.51 -17.25 19.77
N THR A 216 -18.74 -16.76 19.84
CA THR A 216 -19.23 -16.13 21.06
C THR A 216 -19.99 -17.16 21.90
N ARG A 217 -19.90 -17.03 23.21
CA ARG A 217 -20.62 -17.93 24.11
C ARG A 217 -21.33 -17.18 25.22
N TYR A 218 -22.50 -17.69 25.58
CA TYR A 218 -23.21 -17.24 26.78
C TYR A 218 -23.98 -18.44 27.33
N GLY A 219 -24.13 -18.55 28.64
CA GLY A 219 -24.83 -19.68 29.21
C GLY A 219 -24.14 -20.99 28.86
N GLY A 220 -22.82 -20.94 28.69
CA GLY A 220 -22.03 -22.12 28.39
C GLY A 220 -22.32 -22.75 27.03
N GLU A 221 -22.94 -21.99 26.14
CA GLU A 221 -23.25 -22.47 24.79
C GLU A 221 -22.80 -21.46 23.74
N GLU A 222 -22.50 -21.94 22.53
CA GLU A 222 -22.19 -21.02 21.43
C GLU A 222 -23.42 -20.22 21.03
N LYS A 223 -23.24 -18.92 20.82
CA LYS A 223 -24.34 -18.01 20.52
C LYS A 223 -24.13 -17.25 19.23
N GLY A 224 -22.97 -17.43 18.63
CA GLY A 224 -22.64 -16.69 17.43
C GLY A 224 -21.16 -16.71 17.17
N THR A 225 -20.68 -15.70 16.46
CA THR A 225 -19.28 -15.64 16.09
C THR A 225 -18.75 -14.25 16.28
N TYR A 226 -17.44 -14.12 16.37
CA TYR A 226 -16.83 -12.79 16.38
C TYR A 226 -15.67 -12.73 15.40
N HIS A 227 -15.41 -11.52 14.92
CA HIS A 227 -14.31 -11.27 14.01
C HIS A 227 -13.50 -10.10 14.54
N LEU A 228 -12.21 -10.34 14.75
CA LEU A 228 -11.33 -9.26 15.16
C LEU A 228 -10.18 -9.19 14.18
N ALA A 229 -9.93 -8.00 13.67
CA ALA A 229 -8.75 -7.74 12.85
C ALA A 229 -7.76 -6.94 13.69
N LEU A 230 -6.47 -7.18 13.46
CA LEU A 230 -5.41 -6.49 14.18
C LEU A 230 -4.92 -5.30 13.34
N PHE A 231 -4.63 -4.18 14.00
CA PHE A 231 -4.22 -2.96 13.32
C PHE A 231 -2.97 -2.33 13.95
N GLY A 232 -2.15 -1.70 13.12
CA GLY A 232 -0.95 -1.04 13.60
C GLY A 232 0.27 -1.92 13.38
N ASP A 233 1.44 -1.30 13.24
CA ASP A 233 2.64 -2.06 12.92
C ASP A 233 3.04 -3.02 14.05
N ARG A 234 2.51 -2.78 15.26
CA ARG A 234 2.79 -3.66 16.39
C ARG A 234 1.51 -4.25 16.96
N ALA A 235 0.46 -4.28 16.15
CA ALA A 235 -0.85 -4.73 16.59
C ALA A 235 -1.28 -3.98 17.84
N GLN A 236 -1.11 -2.67 17.80
CA GLN A 236 -1.56 -1.77 18.84
C GLN A 236 -3.06 -1.91 19.12
N GLU A 237 -3.82 -2.27 18.09
CA GLU A 237 -5.27 -2.22 18.19
C GLU A 237 -5.94 -3.42 17.57
N ILE A 238 -7.18 -3.64 17.99
CA ILE A 238 -8.06 -4.63 17.37
C ILE A 238 -9.41 -3.97 17.16
N ALA A 239 -10.13 -4.41 16.12
CA ALA A 239 -11.48 -3.92 15.89
C ALA A 239 -12.23 -4.93 15.05
N GLY A 240 -13.54 -4.95 15.22
CA GLY A 240 -14.34 -5.92 14.51
C GLY A 240 -15.76 -5.96 15.01
N SER A 241 -16.31 -7.16 15.04
CA SER A 241 -17.72 -7.30 15.38
C SER A 241 -17.99 -8.66 16.02
N ALA A 242 -19.09 -8.73 16.75
CA ALA A 242 -19.53 -9.98 17.34
C ALA A 242 -21.02 -10.15 17.08
N THR A 243 -21.48 -11.38 16.90
CA THR A 243 -22.91 -11.61 16.84
C THR A 243 -23.33 -12.47 18.02
N VAL A 244 -24.53 -12.22 18.53
CA VAL A 244 -25.02 -13.03 19.64
C VAL A 244 -26.50 -13.24 19.47
N LYS A 245 -26.90 -14.50 19.49
CA LYS A 245 -28.29 -14.86 19.38
C LYS A 245 -28.90 -14.79 20.78
N ILE A 246 -29.99 -14.06 20.90
CA ILE A 246 -30.70 -13.91 22.16
C ILE A 246 -32.15 -14.17 21.84
N ARG A 247 -32.72 -15.18 22.47
CA ARG A 247 -34.04 -15.68 22.08
C ARG A 247 -34.03 -15.99 20.59
N GLU A 248 -34.91 -15.35 19.83
CA GLU A 248 -35.03 -15.71 18.42
C GLU A 248 -34.26 -14.76 17.49
N LYS A 249 -33.56 -13.79 18.08
CA LYS A 249 -32.98 -12.71 17.30
C LYS A 249 -31.46 -12.64 17.42
N VAL A 250 -30.79 -12.37 16.29
CA VAL A 250 -29.35 -12.17 16.28
C VAL A 250 -29.04 -10.70 16.51
N HIS A 251 -28.18 -10.43 17.49
CA HIS A 251 -27.76 -9.06 17.80
C HIS A 251 -26.33 -8.86 17.32
N GLU A 252 -26.07 -7.70 16.72
CA GLU A 252 -24.71 -7.38 16.31
C GLU A 252 -24.13 -6.37 17.29
N ILE A 253 -22.82 -6.51 17.53
CA ILE A 253 -22.09 -5.66 18.45
C ILE A 253 -20.80 -5.19 17.79
N GLY A 254 -20.57 -3.88 17.75
CA GLY A 254 -19.30 -3.35 17.30
C GLY A 254 -18.26 -3.45 18.42
N ILE A 255 -17.05 -3.87 18.10
CA ILE A 255 -16.02 -3.93 19.16
C ILE A 255 -14.67 -3.39 18.68
N ALA A 256 -14.00 -2.64 19.55
CA ALA A 256 -12.69 -2.11 19.23
C ALA A 256 -11.92 -1.84 20.50
N GLY A 257 -10.62 -2.12 20.47
CA GLY A 257 -9.77 -1.87 21.62
C GLY A 257 -8.35 -1.59 21.24
N LYS A 258 -7.57 -1.18 22.24
CA LYS A 258 -6.18 -0.82 22.05
C LYS A 258 -5.37 -1.23 23.27
N GLN A 259 -4.07 -1.39 23.07
CA GLN A 259 -3.16 -1.61 24.17
C GLN A 259 -3.00 -0.32 24.97
N LEU A 260 -2.89 -0.42 26.28
CA LEU A 260 -2.82 0.77 27.11
C LEU A 260 -1.44 1.43 27.05
N ILE B 17 1.47 -4.60 -17.66
CA ILE B 17 2.46 -5.31 -16.82
C ILE B 17 1.83 -6.50 -16.05
N GLY B 18 0.59 -6.84 -16.40
CA GLY B 18 -0.07 -8.01 -15.84
C GLY B 18 -0.36 -7.84 -14.35
N ALA B 19 -0.27 -8.94 -13.61
CA ALA B 19 -0.38 -8.87 -12.15
C ALA B 19 0.97 -9.17 -11.50
N GLY B 20 2.05 -8.88 -12.22
CA GLY B 20 3.39 -9.26 -11.80
C GLY B 20 3.98 -8.49 -10.63
N LEU B 21 3.50 -7.26 -10.44
CA LEU B 21 3.97 -6.43 -9.33
C LEU B 21 3.51 -7.04 -8.01
N ALA B 22 2.20 -7.28 -7.89
CA ALA B 22 1.64 -7.93 -6.71
C ALA B 22 2.28 -9.30 -6.50
N ASP B 23 2.50 -10.03 -7.59
CA ASP B 23 3.11 -11.35 -7.51
C ASP B 23 4.52 -11.28 -6.94
N ALA B 24 5.35 -10.38 -7.47
CA ALA B 24 6.73 -10.26 -7.01
C ALA B 24 6.79 -9.92 -5.53
N LEU B 25 5.83 -9.12 -5.06
CA LEU B 25 5.84 -8.65 -3.67
C LEU B 25 5.33 -9.71 -2.70
N THR B 26 4.63 -10.73 -3.21
CA THR B 26 3.95 -11.67 -2.31
C THR B 26 4.27 -13.16 -2.54
N ALA B 27 5.01 -13.49 -3.58
CA ALA B 27 5.39 -14.89 -3.79
C ALA B 27 6.33 -15.35 -2.69
N PRO B 28 6.11 -16.57 -2.17
CA PRO B 28 6.90 -17.10 -1.04
C PRO B 28 8.33 -17.48 -1.39
N LEU B 36 14.81 -14.65 -15.90
CA LEU B 36 15.50 -14.07 -14.74
C LEU B 36 14.59 -14.08 -13.52
N GLN B 37 14.91 -14.93 -12.54
CA GLN B 37 14.03 -15.15 -11.40
C GLN B 37 14.20 -14.14 -10.27
N SER B 38 15.40 -13.59 -10.11
CA SER B 38 15.60 -12.60 -9.05
C SER B 38 16.68 -11.58 -9.36
N LEU B 39 16.61 -10.44 -8.65
CA LEU B 39 17.63 -9.41 -8.70
C LEU B 39 18.01 -9.03 -7.29
N THR B 40 19.31 -9.06 -6.99
CA THR B 40 19.76 -8.66 -5.67
C THR B 40 19.79 -7.15 -5.57
N LEU B 41 19.16 -6.62 -4.53
CA LEU B 41 19.09 -5.18 -4.32
C LEU B 41 20.26 -4.71 -3.46
N ASP B 42 21.33 -4.28 -4.10
CA ASP B 42 22.53 -3.83 -3.40
C ASP B 42 22.63 -2.32 -3.37
N GLN B 43 22.24 -1.67 -4.46
CA GLN B 43 22.37 -0.23 -4.57
CA GLN B 43 22.37 -0.23 -4.58
C GLN B 43 21.10 0.53 -4.21
N SER B 44 19.94 -0.10 -4.42
CA SER B 44 18.67 0.58 -4.17
CA SER B 44 18.66 0.56 -4.17
C SER B 44 18.35 0.67 -2.68
N VAL B 45 19.05 -0.13 -1.88
CA VAL B 45 18.89 -0.08 -0.44
C VAL B 45 20.23 -0.43 0.21
N ARG B 46 20.74 0.48 1.01
CA ARG B 46 22.09 0.33 1.53
C ARG B 46 22.03 -0.20 2.95
N LYS B 47 23.19 -0.50 3.55
CA LYS B 47 23.22 -1.13 4.87
C LYS B 47 22.42 -0.32 5.88
N ASN B 48 21.65 -1.04 6.70
CA ASN B 48 20.81 -0.46 7.76
C ASN B 48 19.53 0.23 7.24
N GLU B 49 19.39 0.35 5.92
CA GLU B 49 18.18 0.97 5.37
C GLU B 49 17.06 -0.05 5.14
N LYS B 50 15.83 0.44 5.15
CA LYS B 50 14.67 -0.37 4.80
C LYS B 50 14.03 0.21 3.54
N LEU B 51 13.81 -0.63 2.53
CA LEU B 51 13.16 -0.21 1.30
C LEU B 51 11.79 -0.86 1.20
N LYS B 52 10.73 -0.07 1.34
CA LYS B 52 9.39 -0.62 1.24
C LYS B 52 8.84 -0.39 -0.16
N LEU B 53 8.53 -1.47 -0.87
CA LEU B 53 7.95 -1.38 -2.21
C LEU B 53 6.47 -1.68 -2.13
N ALA B 54 5.67 -0.92 -2.86
CA ALA B 54 4.22 -1.15 -2.86
C ALA B 54 3.66 -1.02 -4.27
N ALA B 55 2.81 -1.97 -4.66
CA ALA B 55 2.14 -1.93 -5.95
C ALA B 55 1.01 -2.95 -5.98
N GLN B 56 -0.04 -2.60 -6.71
CA GLN B 56 -1.14 -3.52 -7.02
C GLN B 56 -1.75 -4.11 -5.76
N GLY B 57 -1.83 -3.29 -4.72
CA GLY B 57 -2.49 -3.68 -3.49
C GLY B 57 -1.61 -4.42 -2.50
N ALA B 58 -0.35 -4.63 -2.84
CA ALA B 58 0.56 -5.37 -1.96
C ALA B 58 1.75 -4.53 -1.59
N GLU B 59 2.58 -5.08 -0.71
CA GLU B 59 3.80 -4.42 -0.27
C GLU B 59 4.77 -5.41 0.34
N LYS B 60 6.05 -5.08 0.25
CA LYS B 60 7.10 -5.87 0.86
C LYS B 60 8.26 -4.97 1.21
N THR B 61 8.91 -5.26 2.33
CA THR B 61 10.08 -4.52 2.75
C THR B 61 11.36 -5.29 2.46
N TYR B 62 12.34 -4.58 1.92
CA TYR B 62 13.61 -5.17 1.53
C TYR B 62 14.76 -4.49 2.26
N GLY B 63 15.74 -5.29 2.67
CA GLY B 63 16.98 -4.77 3.20
C GLY B 63 18.11 -5.06 2.22
N ASN B 64 19.28 -4.47 2.47
CA ASN B 64 20.43 -4.64 1.59
C ASN B 64 20.77 -6.10 1.35
N GLY B 65 20.96 -6.47 0.08
CA GLY B 65 21.28 -7.83 -0.26
C GLY B 65 20.09 -8.75 -0.42
N ASP B 66 18.90 -8.27 -0.08
CA ASP B 66 17.68 -9.04 -0.34
C ASP B 66 17.43 -9.14 -1.83
N SER B 67 16.69 -10.17 -2.24
CA SER B 67 16.39 -10.35 -3.65
C SER B 67 14.96 -9.94 -3.98
N LEU B 68 14.79 -9.28 -5.12
CA LEU B 68 13.47 -8.97 -5.65
C LEU B 68 13.10 -10.06 -6.65
N ASN B 69 11.88 -10.60 -6.55
CA ASN B 69 11.45 -11.71 -7.38
C ASN B 69 11.04 -11.24 -8.78
N THR B 70 12.01 -11.04 -9.66
CA THR B 70 11.77 -10.52 -10.99
C THR B 70 11.12 -11.54 -11.91
N GLY B 71 11.16 -12.81 -11.51
CA GLY B 71 10.60 -13.89 -12.30
C GLY B 71 9.11 -13.70 -12.55
N LYS B 72 8.48 -12.95 -11.66
CA LYS B 72 7.05 -12.68 -11.75
C LYS B 72 6.73 -11.47 -12.64
N LEU B 73 7.77 -10.72 -13.03
CA LEU B 73 7.56 -9.49 -13.80
C LEU B 73 7.51 -9.77 -15.30
N LYS B 74 6.80 -8.90 -16.03
CA LYS B 74 6.68 -8.98 -17.47
C LYS B 74 7.98 -8.65 -18.17
N ASN B 75 8.39 -9.49 -19.11
CA ASN B 75 9.58 -9.22 -19.91
C ASN B 75 9.41 -7.99 -20.80
N ASP B 76 10.51 -7.26 -20.97
CA ASP B 76 10.59 -6.14 -21.92
C ASP B 76 9.63 -5.03 -21.56
N LYS B 77 9.35 -4.87 -20.27
CA LYS B 77 8.52 -3.77 -19.81
C LYS B 77 9.10 -3.14 -18.55
N VAL B 78 8.77 -1.86 -18.35
CA VAL B 78 9.07 -1.20 -17.07
C VAL B 78 7.96 -1.53 -16.07
N SER B 79 8.34 -2.22 -14.99
CA SER B 79 7.44 -2.43 -13.87
C SER B 79 7.70 -1.37 -12.80
N ARG B 80 6.64 -0.78 -12.26
CA ARG B 80 6.79 0.35 -11.36
C ARG B 80 6.26 0.06 -9.97
N PHE B 81 7.05 0.38 -8.94
CA PHE B 81 6.64 0.23 -7.56
C PHE B 81 6.76 1.57 -6.84
N ASP B 82 5.79 1.91 -6.02
CA ASP B 82 5.99 3.02 -5.08
C ASP B 82 7.04 2.60 -4.06
N PHE B 83 7.99 3.47 -3.73
CA PHE B 83 8.94 3.10 -2.69
C PHE B 83 9.05 4.13 -1.60
N ILE B 84 9.42 3.64 -0.43
CA ILE B 84 9.81 4.45 0.71
C ILE B 84 11.12 3.91 1.26
N ARG B 85 12.12 4.79 1.39
CA ARG B 85 13.40 4.43 1.96
C ARG B 85 13.47 4.93 3.39
N GLN B 86 13.63 4.03 4.35
CA GLN B 86 13.66 4.44 5.75
C GLN B 86 14.95 4.02 6.42
N ILE B 87 15.28 4.71 7.51
CA ILE B 87 16.45 4.38 8.30
C ILE B 87 16.15 4.79 9.74
N GLU B 88 16.85 4.17 10.69
CA GLU B 88 16.70 4.50 12.09
C GLU B 88 17.75 5.52 12.50
N VAL B 89 17.29 6.69 12.95
CA VAL B 89 18.19 7.76 13.37
C VAL B 89 17.67 8.44 14.64
N ASP B 90 18.46 8.40 15.71
CA ASP B 90 18.18 9.21 16.89
C ASP B 90 16.81 8.87 17.46
N GLY B 91 16.56 7.57 17.65
CA GLY B 91 15.32 7.08 18.23
C GLY B 91 14.09 7.19 17.34
N GLN B 92 14.31 7.41 16.04
CA GLN B 92 13.20 7.64 15.12
C GLN B 92 13.28 6.83 13.83
N LEU B 93 12.12 6.41 13.34
CA LEU B 93 12.00 5.87 11.99
C LEU B 93 11.88 7.02 11.01
N ILE B 94 12.90 7.22 10.19
CA ILE B 94 12.97 8.37 9.30
C ILE B 94 12.84 7.95 7.84
N THR B 95 11.94 8.61 7.10
CA THR B 95 11.92 8.45 5.66
C THR B 95 12.96 9.38 5.02
N LEU B 96 13.96 8.78 4.36
CA LEU B 96 15.01 9.54 3.66
C LEU B 96 14.57 9.95 2.27
N GLU B 97 13.88 9.03 1.59
CA GLU B 97 13.41 9.25 0.22
C GLU B 97 12.10 8.51 -0.01
N SER B 98 11.25 9.06 -0.85
CA SER B 98 10.15 8.27 -1.41
C SER B 98 10.02 8.63 -2.87
N GLY B 99 9.40 7.75 -3.65
CA GLY B 99 9.32 7.96 -5.08
C GLY B 99 8.87 6.71 -5.79
N GLU B 100 9.34 6.55 -7.03
CA GLU B 100 9.02 5.39 -7.83
C GLU B 100 10.26 4.58 -8.18
N PHE B 101 10.12 3.27 -7.98
CA PHE B 101 11.13 2.26 -8.29
C PHE B 101 10.75 1.69 -9.65
N GLN B 102 11.55 1.99 -10.69
CA GLN B 102 11.28 1.52 -12.05
C GLN B 102 12.26 0.42 -12.43
N ILE B 103 11.73 -0.75 -12.77
CA ILE B 103 12.64 -1.81 -13.17
C ILE B 103 12.30 -2.32 -14.55
N TYR B 104 13.30 -2.27 -15.42
CA TYR B 104 13.13 -2.79 -16.78
C TYR B 104 13.70 -4.19 -16.83
N LYS B 105 12.82 -5.15 -17.06
CA LYS B 105 13.19 -6.55 -17.01
C LYS B 105 13.29 -7.19 -18.39
N GLN B 106 14.38 -7.94 -18.59
CA GLN B 106 14.57 -8.79 -19.77
C GLN B 106 14.71 -10.25 -19.32
N ASP B 107 15.07 -11.13 -20.24
CA ASP B 107 15.16 -12.54 -19.90
C ASP B 107 16.37 -12.93 -19.05
N HIS B 108 17.49 -12.23 -19.23
CA HIS B 108 18.70 -12.56 -18.48
C HIS B 108 19.19 -11.38 -17.65
N SER B 109 18.46 -10.27 -17.67
CA SER B 109 18.97 -9.04 -17.08
C SER B 109 17.85 -8.10 -16.64
N ALA B 110 18.18 -7.18 -15.75
CA ALA B 110 17.25 -6.12 -15.39
C ALA B 110 18.04 -4.91 -14.93
N VAL B 111 17.47 -3.72 -15.10
CA VAL B 111 18.11 -2.50 -14.64
C VAL B 111 17.05 -1.67 -13.95
N VAL B 112 17.43 -1.10 -12.81
CA VAL B 112 16.52 -0.34 -11.96
C VAL B 112 16.90 1.12 -11.99
N ALA B 113 15.90 1.99 -12.10
CA ALA B 113 16.10 3.40 -11.85
C ALA B 113 15.14 3.86 -10.75
N LEU B 114 15.57 4.87 -10.01
CA LEU B 114 14.75 5.45 -8.97
C LEU B 114 14.37 6.87 -9.34
N GLN B 115 13.07 7.13 -9.43
CA GLN B 115 12.58 8.50 -9.56
C GLN B 115 12.24 8.99 -8.16
N ILE B 116 13.09 9.84 -7.63
CA ILE B 116 12.85 10.41 -6.32
C ILE B 116 11.79 11.51 -6.42
N GLU B 117 10.83 11.51 -5.51
CA GLU B 117 9.82 12.57 -5.47
CA GLU B 117 9.81 12.57 -5.47
C GLU B 117 9.98 13.41 -4.21
N LYS B 118 10.28 12.74 -3.09
CA LYS B 118 10.41 13.44 -1.80
C LYS B 118 11.66 13.02 -1.07
N ILE B 119 12.21 13.94 -0.30
CA ILE B 119 13.33 13.64 0.59
C ILE B 119 13.04 14.21 1.97
N ASN B 120 13.78 13.76 2.97
CA ASN B 120 13.57 14.36 4.28
C ASN B 120 14.00 15.82 4.25
N ASN B 121 13.24 16.66 4.94
CA ASN B 121 13.59 18.05 5.17
C ASN B 121 14.94 18.11 5.85
N PRO B 122 15.91 18.84 5.26
CA PRO B 122 17.26 18.88 5.82
C PRO B 122 17.29 19.46 7.25
N ASP B 123 16.28 20.25 7.60
CA ASP B 123 16.23 20.92 8.89
C ASP B 123 15.27 20.26 9.86
N LYS B 124 14.44 19.36 9.34
CA LYS B 124 13.45 18.64 10.15
C LYS B 124 13.34 17.22 9.63
N ILE B 125 14.17 16.31 10.16
CA ILE B 125 14.32 15.00 9.53
C ILE B 125 13.04 14.15 9.57
N ASP B 126 12.10 14.53 10.43
CA ASP B 126 10.84 13.80 10.57
CA ASP B 126 10.83 13.82 10.59
C ASP B 126 9.82 14.21 9.52
N SER B 127 10.18 15.17 8.69
CA SER B 127 9.26 15.72 7.71
CA SER B 127 9.25 15.71 7.72
C SER B 127 9.86 15.62 6.32
N LEU B 128 9.01 15.64 5.30
CA LEU B 128 9.46 15.55 3.92
C LEU B 128 9.31 16.85 3.14
N ILE B 129 10.14 17.01 2.11
CA ILE B 129 9.95 18.09 1.15
C ILE B 129 9.99 17.49 -0.23
N ASN B 130 9.38 18.17 -1.19
CA ASN B 130 9.43 17.72 -2.57
C ASN B 130 10.75 18.11 -3.20
N GLN B 131 11.47 17.12 -3.70
CA GLN B 131 12.69 17.36 -4.44
C GLN B 131 12.94 16.17 -5.37
N ARG B 132 12.71 16.39 -6.65
CA ARG B 132 12.82 15.34 -7.65
C ARG B 132 14.24 15.15 -8.17
N SER B 133 14.62 13.90 -8.34
CA SER B 133 15.85 13.53 -9.03
C SER B 133 15.65 12.14 -9.59
N PHE B 134 16.57 11.70 -10.44
CA PHE B 134 16.46 10.39 -11.08
C PHE B 134 17.84 9.76 -11.20
N ARG B 135 18.00 8.55 -10.70
CA ARG B 135 19.29 7.86 -10.81
C ARG B 135 19.10 6.38 -11.15
N VAL B 136 20.07 5.82 -11.87
CA VAL B 136 20.05 4.40 -12.14
C VAL B 136 20.67 3.70 -10.95
N SER B 137 20.03 2.64 -10.47
CA SER B 137 20.55 1.96 -9.28
CA SER B 137 20.49 1.94 -9.28
C SER B 137 21.01 0.55 -9.64
N ASP B 138 20.28 -0.47 -9.19
CA ASP B 138 20.75 -1.82 -9.39
C ASP B 138 20.72 -2.28 -10.83
N LEU B 139 21.68 -3.14 -11.13
CA LEU B 139 21.85 -3.71 -12.45
C LEU B 139 22.35 -5.11 -12.21
N GLY B 140 21.65 -6.11 -12.76
CA GLY B 140 22.11 -7.46 -12.56
C GLY B 140 21.44 -8.49 -13.43
N GLY B 141 21.78 -9.74 -13.15
CA GLY B 141 21.30 -10.87 -13.91
C GLY B 141 22.45 -11.81 -14.15
N GLU B 142 22.29 -12.71 -15.12
CA GLU B 142 23.32 -13.68 -15.44
C GLU B 142 24.43 -13.05 -16.28
N HIS B 143 25.39 -12.42 -15.61
CA HIS B 143 26.50 -11.77 -16.31
C HIS B 143 27.18 -12.73 -17.29
N THR B 144 27.44 -12.24 -18.50
CA THR B 144 28.19 -12.97 -19.50
C THR B 144 29.67 -13.00 -19.15
N ALA B 145 30.21 -14.19 -18.94
CA ALA B 145 31.64 -14.32 -18.70
C ALA B 145 32.38 -13.92 -19.97
N PHE B 146 33.58 -13.39 -19.83
CA PHE B 146 34.34 -12.97 -21.01
C PHE B 146 34.61 -14.12 -21.98
N ASN B 147 34.69 -15.35 -21.46
CA ASN B 147 34.89 -16.51 -22.34
C ASN B 147 33.58 -17.12 -22.82
N GLN B 148 32.49 -16.39 -22.61
CA GLN B 148 31.18 -16.81 -23.13
C GLN B 148 30.77 -15.95 -24.32
N LEU B 149 31.67 -15.07 -24.76
CA LEU B 149 31.39 -14.22 -25.91
C LEU B 149 31.31 -15.04 -27.21
N PRO B 150 30.27 -14.80 -28.01
CA PRO B 150 30.19 -15.41 -29.34
C PRO B 150 31.31 -14.91 -30.24
N SER B 151 31.40 -15.50 -31.42
CA SER B 151 32.23 -14.92 -32.46
C SER B 151 31.40 -13.96 -33.28
N GLY B 152 32.06 -13.10 -34.06
CA GLY B 152 31.37 -12.26 -35.01
C GLY B 152 30.75 -11.02 -34.38
N LYS B 153 29.53 -10.70 -34.80
CA LYS B 153 28.86 -9.46 -34.38
C LYS B 153 27.47 -9.72 -33.79
N ALA B 154 26.97 -8.75 -33.05
CA ALA B 154 25.57 -8.81 -32.61
C ALA B 154 25.01 -7.39 -32.57
N GLU B 155 23.71 -7.28 -32.68
CA GLU B 155 23.03 -6.00 -32.51
C GLU B 155 21.94 -6.13 -31.48
N TYR B 156 21.79 -5.09 -30.67
CA TYR B 156 20.84 -5.10 -29.57
C TYR B 156 19.84 -3.97 -29.76
N HIS B 157 18.57 -4.23 -29.47
CA HIS B 157 17.55 -3.20 -29.47
C HIS B 157 16.81 -3.22 -28.16
N GLY B 158 16.48 -2.05 -27.64
CA GLY B 158 15.70 -2.02 -26.42
C GLY B 158 15.34 -0.62 -26.01
N LYS B 159 15.29 -0.41 -24.70
CA LYS B 159 14.72 0.79 -24.13
C LYS B 159 15.78 1.70 -23.54
N ALA B 160 15.55 3.00 -23.66
CA ALA B 160 16.29 4.00 -22.90
C ALA B 160 15.25 4.72 -22.07
N PHE B 161 15.44 4.78 -20.75
CA PHE B 161 14.47 5.49 -19.94
C PHE B 161 15.12 6.47 -18.95
N SER B 162 14.58 7.68 -18.96
CA SER B 162 15.08 8.78 -18.14
C SER B 162 13.89 9.35 -17.37
N SER B 163 14.15 10.36 -16.55
CA SER B 163 13.12 10.96 -15.72
C SER B 163 11.90 11.37 -16.55
N ASP B 164 10.75 10.84 -16.18
CA ASP B 164 9.48 11.15 -16.85
C ASP B 164 9.46 10.78 -18.33
N ASP B 165 10.33 9.87 -18.76
CA ASP B 165 10.42 9.51 -20.19
C ASP B 165 10.88 8.07 -20.36
N PRO B 166 9.93 7.14 -20.43
CA PRO B 166 10.31 5.73 -20.59
C PRO B 166 10.29 5.25 -22.04
N ASN B 167 10.22 6.19 -22.98
CA ASN B 167 10.00 5.82 -24.38
C ASN B 167 11.19 6.07 -25.30
N GLY B 168 12.36 6.22 -24.71
CA GLY B 168 13.58 6.25 -25.49
C GLY B 168 13.91 4.87 -26.00
N ARG B 169 14.83 4.81 -26.95
CA ARG B 169 15.18 3.54 -27.57
C ARG B 169 16.68 3.38 -27.56
N LEU B 170 17.12 2.15 -27.36
CA LEU B 170 18.53 1.83 -27.44
C LEU B 170 18.80 0.96 -28.64
N HIS B 171 19.80 1.32 -29.42
CA HIS B 171 20.36 0.44 -30.44
CA HIS B 171 20.34 0.42 -30.42
C HIS B 171 21.86 0.37 -30.25
N TYR B 172 22.40 -0.84 -30.23
CA TYR B 172 23.81 -0.98 -29.90
C TYR B 172 24.40 -2.11 -30.71
N SER B 173 25.63 -1.90 -31.15
CA SER B 173 26.30 -2.87 -31.99
C SER B 173 27.59 -3.35 -31.33
N ILE B 174 27.74 -4.66 -31.21
CA ILE B 174 28.99 -5.20 -30.69
C ILE B 174 29.72 -6.07 -31.71
N ASP B 175 31.01 -5.79 -31.87
CA ASP B 175 31.87 -6.63 -32.68
C ASP B 175 32.71 -7.46 -31.70
N PHE B 176 32.36 -8.73 -31.57
CA PHE B 176 33.05 -9.61 -30.63
C PHE B 176 34.48 -9.89 -31.09
N THR B 177 34.69 -9.94 -32.40
CA THR B 177 36.01 -10.17 -32.96
C THR B 177 36.95 -9.01 -32.64
N LYS B 178 36.49 -7.79 -32.93
CA LYS B 178 37.26 -6.59 -32.66
C LYS B 178 37.27 -6.20 -31.19
N LYS B 179 36.38 -6.80 -30.41
CA LYS B 179 36.16 -6.43 -29.01
C LYS B 179 35.84 -4.94 -28.89
N GLN B 180 34.93 -4.48 -29.74
CA GLN B 180 34.51 -3.07 -29.74
C GLN B 180 32.98 -2.99 -29.74
N GLY B 181 32.45 -1.93 -29.13
CA GLY B 181 31.01 -1.68 -29.17
C GLY B 181 30.71 -0.22 -29.41
N TYR B 182 29.55 0.07 -29.99
CA TYR B 182 29.07 1.44 -30.18
C TYR B 182 27.56 1.44 -30.35
N GLY B 183 26.92 2.58 -30.14
CA GLY B 183 25.48 2.59 -30.26
C GLY B 183 24.89 3.96 -30.12
N ARG B 184 23.58 3.98 -29.90
CA ARG B 184 22.78 5.20 -29.93
C ARG B 184 21.66 5.14 -28.92
N ILE B 185 21.38 6.28 -28.29
CA ILE B 185 20.12 6.48 -27.60
C ILE B 185 19.28 7.38 -28.49
N GLU B 186 18.03 6.98 -28.72
CA GLU B 186 17.11 7.68 -29.61
C GLU B 186 15.78 7.99 -28.97
N HIS B 187 15.09 9.00 -29.50
CA HIS B 187 13.65 9.16 -29.28
C HIS B 187 13.22 9.67 -27.91
N LEU B 188 14.18 10.01 -27.05
CA LEU B 188 13.81 10.68 -25.80
C LEU B 188 13.30 12.08 -26.10
N LYS B 189 12.37 12.58 -25.28
CA LYS B 189 11.73 13.85 -25.59
C LYS B 189 12.69 15.03 -25.46
N THR B 190 13.65 14.92 -24.56
CA THR B 190 14.69 15.93 -24.44
C THR B 190 15.77 15.63 -25.48
N PRO B 191 15.91 16.48 -26.50
CA PRO B 191 16.78 16.17 -27.65
C PRO B 191 18.21 15.80 -27.26
N GLU B 192 18.74 16.51 -26.28
CA GLU B 192 20.15 16.37 -25.90
C GLU B 192 20.43 15.07 -25.14
N GLN B 193 19.37 14.32 -24.80
CA GLN B 193 19.58 13.01 -24.18
C GLN B 193 19.83 11.93 -25.23
N ASN B 194 19.54 12.24 -26.49
CA ASN B 194 19.70 11.25 -27.55
C ASN B 194 21.13 11.21 -28.07
N VAL B 195 21.99 10.66 -27.22
CA VAL B 195 23.42 10.72 -27.41
C VAL B 195 23.98 9.57 -28.23
N GLU B 196 25.18 9.81 -28.74
CA GLU B 196 25.99 8.76 -29.29
C GLU B 196 26.58 8.01 -28.10
N LEU B 197 26.49 6.68 -28.13
CA LEU B 197 27.28 5.86 -27.23
C LEU B 197 28.54 5.51 -28.01
N ALA B 198 29.57 6.29 -27.81
CA ALA B 198 30.75 6.29 -28.69
C ALA B 198 31.50 4.96 -28.61
N SER B 199 32.20 4.63 -29.69
CA SER B 199 32.94 3.38 -29.77
C SER B 199 33.81 3.16 -28.53
N ALA B 200 33.77 1.95 -28.01
CA ALA B 200 34.51 1.63 -26.81
C ALA B 200 34.90 0.16 -26.77
N GLU B 201 35.85 -0.15 -25.89
CA GLU B 201 36.42 -1.48 -25.82
C GLU B 201 35.56 -2.42 -24.97
N LEU B 202 35.39 -3.65 -25.47
CA LEU B 202 34.72 -4.71 -24.74
C LEU B 202 35.75 -5.44 -23.88
N LYS B 203 35.65 -5.29 -22.56
CA LYS B 203 36.69 -5.78 -21.64
C LYS B 203 36.13 -6.73 -20.60
N ALA B 204 37.03 -7.37 -19.84
CA ALA B 204 36.62 -8.20 -18.72
C ALA B 204 36.80 -7.40 -17.43
N ASP B 205 35.80 -7.42 -16.54
CA ASP B 205 35.96 -6.70 -15.28
C ASP B 205 36.66 -7.59 -14.27
N GLU B 206 36.59 -7.20 -13.00
CA GLU B 206 37.28 -7.91 -11.93
C GLU B 206 36.71 -9.31 -11.75
N LYS B 207 35.42 -9.45 -12.03
CA LYS B 207 34.73 -10.72 -11.92
C LYS B 207 34.87 -11.53 -13.21
N SER B 208 35.70 -11.03 -14.13
CA SER B 208 35.86 -11.58 -15.47
C SER B 208 34.56 -11.57 -16.27
N HIS B 209 33.71 -10.59 -15.99
CA HIS B 209 32.47 -10.39 -16.75
C HIS B 209 32.70 -9.42 -17.89
N ALA B 210 31.96 -9.60 -18.98
CA ALA B 210 32.13 -8.73 -20.15
C ALA B 210 31.39 -7.41 -19.98
N VAL B 211 32.12 -6.32 -20.03
CA VAL B 211 31.56 -4.98 -19.90
C VAL B 211 32.15 -4.02 -20.92
N ILE B 212 31.39 -2.97 -21.23
CA ILE B 212 31.87 -1.88 -22.07
C ILE B 212 31.72 -0.58 -21.30
N LEU B 213 32.82 0.16 -21.19
CA LEU B 213 32.80 1.48 -20.58
C LEU B 213 33.19 2.49 -21.62
N GLY B 214 32.28 3.42 -21.96
CA GLY B 214 32.56 4.38 -23.00
C GLY B 214 32.07 5.79 -22.69
N ASP B 215 32.23 6.67 -23.67
CA ASP B 215 31.78 8.06 -23.57
C ASP B 215 30.45 8.27 -24.26
N THR B 216 29.66 9.20 -23.73
CA THR B 216 28.49 9.67 -24.46
C THR B 216 28.84 10.98 -25.14
N ARG B 217 28.26 11.19 -26.32
CA ARG B 217 28.52 12.42 -27.07
CA ARG B 217 28.52 12.42 -27.07
C ARG B 217 27.24 13.03 -27.62
N TYR B 218 27.23 14.35 -27.67
CA TYR B 218 26.17 15.09 -28.31
C TYR B 218 26.78 16.39 -28.79
N GLY B 219 26.30 16.89 -29.92
CA GLY B 219 26.81 18.16 -30.43
C GLY B 219 28.31 18.12 -30.70
N GLY B 220 28.81 16.94 -31.06
CA GLY B 220 30.21 16.76 -31.39
C GLY B 220 31.17 16.78 -30.21
N GLU B 221 30.65 16.74 -28.99
CA GLU B 221 31.47 16.80 -27.78
C GLU B 221 31.13 15.67 -26.82
N GLU B 222 32.09 15.29 -25.97
CA GLU B 222 31.77 14.36 -24.90
C GLU B 222 30.85 15.04 -23.88
N LYS B 223 29.85 14.29 -23.42
CA LYS B 223 28.83 14.79 -22.51
C LYS B 223 28.71 13.96 -21.24
N GLY B 224 29.49 12.89 -21.15
CA GLY B 224 29.36 11.97 -20.04
C GLY B 224 29.89 10.60 -20.41
N THR B 225 29.43 9.58 -19.70
CA THR B 225 29.91 8.21 -19.91
C THR B 225 28.76 7.21 -19.92
N TYR B 226 29.02 6.01 -20.42
CA TYR B 226 28.03 4.96 -20.33
C TYR B 226 28.70 3.67 -19.90
N HIS B 227 27.90 2.82 -19.26
CA HIS B 227 28.30 1.49 -18.80
C HIS B 227 27.32 0.49 -19.35
N LEU B 228 27.81 -0.48 -20.11
CA LEU B 228 26.97 -1.58 -20.52
C LEU B 228 27.62 -2.89 -20.07
N ALA B 229 26.83 -3.74 -19.40
CA ALA B 229 27.30 -5.07 -19.04
C ALA B 229 26.57 -6.10 -19.90
N LEU B 230 27.29 -7.14 -20.32
CA LEU B 230 26.64 -8.17 -21.12
C LEU B 230 26.04 -9.26 -20.24
N PHE B 231 24.90 -9.80 -20.68
CA PHE B 231 24.16 -10.80 -19.91
C PHE B 231 23.70 -11.97 -20.77
N GLY B 232 23.69 -13.15 -20.17
CA GLY B 232 23.27 -14.34 -20.87
C GLY B 232 24.49 -15.16 -21.26
N ASP B 233 24.33 -16.48 -21.33
CA ASP B 233 25.51 -17.32 -21.58
C ASP B 233 26.00 -17.19 -23.02
N ARG B 234 25.26 -16.49 -23.86
CA ARG B 234 25.70 -16.19 -25.21
C ARG B 234 25.65 -14.69 -25.51
N ALA B 235 25.74 -13.87 -24.46
CA ALA B 235 25.62 -12.42 -24.60
C ALA B 235 24.33 -12.01 -25.31
N GLN B 236 23.22 -12.62 -24.93
CA GLN B 236 21.92 -12.32 -25.51
C GLN B 236 21.52 -10.87 -25.27
N GLU B 237 22.02 -10.29 -24.18
CA GLU B 237 21.47 -9.02 -23.72
C GLU B 237 22.56 -8.09 -23.23
N ILE B 238 22.22 -6.80 -23.18
CA ILE B 238 23.06 -5.80 -22.54
C ILE B 238 22.17 -4.91 -21.66
N ALA B 239 22.75 -4.38 -20.59
CA ALA B 239 22.01 -3.46 -19.73
C ALA B 239 22.97 -2.59 -18.94
N GLY B 240 22.52 -1.40 -18.57
CA GLY B 240 23.38 -0.50 -17.84
C GLY B 240 22.81 0.89 -17.85
N SER B 241 23.69 1.89 -17.99
CA SER B 241 23.29 3.27 -17.82
C SER B 241 24.19 4.24 -18.58
N ALA B 242 23.66 5.44 -18.82
CA ALA B 242 24.46 6.47 -19.46
C ALA B 242 24.23 7.76 -18.71
N THR B 243 25.24 8.63 -18.68
CA THR B 243 25.05 9.95 -18.11
C THR B 243 25.28 10.99 -19.20
N VAL B 244 24.53 12.09 -19.14
CA VAL B 244 24.60 13.11 -20.17
C VAL B 244 24.42 14.47 -19.54
N LYS B 245 25.42 15.33 -19.69
CA LYS B 245 25.29 16.70 -19.21
C LYS B 245 24.53 17.54 -20.21
N ILE B 246 23.53 18.25 -19.70
CA ILE B 246 22.70 19.14 -20.49
C ILE B 246 22.58 20.45 -19.70
N ARG B 247 23.13 21.54 -20.23
CA ARG B 247 23.14 22.85 -19.57
C ARG B 247 23.41 22.79 -18.07
N GLU B 248 24.61 22.34 -17.69
CA GLU B 248 25.07 22.31 -16.29
C GLU B 248 24.42 21.22 -15.41
N LYS B 249 23.49 20.45 -15.95
CA LYS B 249 22.88 19.37 -15.16
C LYS B 249 23.18 18.01 -15.76
N VAL B 250 23.59 17.06 -14.92
CA VAL B 250 23.87 15.70 -15.36
C VAL B 250 22.61 14.84 -15.28
N HIS B 251 22.23 14.28 -16.42
CA HIS B 251 21.04 13.43 -16.49
C HIS B 251 21.46 11.97 -16.58
N GLU B 252 20.73 11.10 -15.88
CA GLU B 252 21.02 9.68 -15.94
C GLU B 252 19.97 8.98 -16.78
N ILE B 253 20.39 7.98 -17.55
CA ILE B 253 19.49 7.24 -18.44
C ILE B 253 19.71 5.75 -18.23
N GLY B 254 18.63 5.02 -17.94
CA GLY B 254 18.68 3.56 -17.91
C GLY B 254 18.64 3.03 -19.33
N ILE B 255 19.49 2.04 -19.64
CA ILE B 255 19.48 1.44 -20.99
C ILE B 255 19.57 -0.07 -20.94
N ALA B 256 18.81 -0.74 -21.79
CA ALA B 256 18.88 -2.19 -21.87
C ALA B 256 18.33 -2.67 -23.19
N GLY B 257 18.94 -3.72 -23.73
CA GLY B 257 18.47 -4.25 -25.00
C GLY B 257 18.82 -5.71 -25.17
N LYS B 258 18.34 -6.27 -26.27
CA LYS B 258 18.50 -7.70 -26.53
C LYS B 258 18.64 -7.91 -28.03
N GLN B 259 19.29 -9.01 -28.41
CA GLN B 259 19.39 -9.39 -29.81
C GLN B 259 18.03 -9.79 -30.37
MG MG C . -15.83 9.76 -4.98
MG MG D . -2.60 -5.22 2.99
#